data_1QG8
#
_entry.id   1QG8
#
_cell.length_a   47.420
_cell.length_b   141.997
_cell.length_c   81.439
_cell.angle_alpha   90.00
_cell.angle_beta   90.00
_cell.angle_gamma   90.00
#
_symmetry.space_group_name_H-M   'C 2 2 21'
#
loop_
_entity.id
_entity.type
_entity.pdbx_description
1 polymer 'PROTEIN (SPORE COAT POLYSACCHARIDE BIOSYNTHESIS PROTEIN SPSA)'
2 non-polymer 'MAGNESIUM ION'
3 non-polymer GLYCEROL
4 water water
#
_entity_poly.entity_id   1
_entity_poly.type   'polypeptide(L)'
_entity_poly.pdbx_seq_one_letter_code
;PKVSVIMTSYNKSDYVAKSISSILSQTFSDFELFIMDDNSNEETLNVIRPFLNDNRVRFYQSDISGVKERTEKTRYAALI
NQAIEMAEGEYITYATDDNIYMPDRLLKMVRELDTHPEKAVIYSASKTYHLNENRDIVKETVRPAAQVTWNAPCAIDHCS
VMHRYSVLEKVKEKFGSYWDESPAFYRIGDARFFWRVNHFYPFYPLDEELDLNYITDQSIHFQLFELEKNEFVRNLPPQR
NCRELRESLKKLGMG
;
_entity_poly.pdbx_strand_id   A
#
# COMPACT_ATOMS: atom_id res chain seq x y z
N PRO A 1 16.50 -10.15 -0.74
CA PRO A 1 16.45 -8.68 -0.52
C PRO A 1 16.01 -8.38 0.88
N LYS A 2 16.32 -7.23 1.42
CA LYS A 2 15.88 -6.82 2.73
C LYS A 2 14.40 -6.41 2.64
N VAL A 3 13.99 -5.71 1.61
CA VAL A 3 12.64 -5.16 1.47
C VAL A 3 11.95 -5.71 0.25
N SER A 4 10.64 -6.00 0.41
CA SER A 4 9.80 -6.27 -0.75
C SER A 4 8.85 -5.04 -0.86
N VAL A 5 8.91 -4.32 -1.96
CA VAL A 5 7.96 -3.20 -2.24
C VAL A 5 6.91 -3.81 -3.17
N ILE A 6 5.63 -3.70 -2.75
CA ILE A 6 4.52 -4.25 -3.55
C ILE A 6 3.74 -3.12 -4.17
N MET A 7 3.83 -2.99 -5.51
CA MET A 7 3.10 -1.91 -6.18
C MET A 7 1.93 -2.54 -6.97
N THR A 8 0.74 -1.96 -6.86
CA THR A 8 -0.38 -2.33 -7.69
C THR A 8 -0.54 -1.27 -8.77
N SER A 9 -0.87 -1.77 -10.00
CA SER A 9 -1.10 -0.93 -11.17
C SER A 9 -2.38 -1.36 -11.92
N TYR A 10 -3.15 -0.34 -12.22
CA TYR A 10 -4.29 -0.55 -13.12
C TYR A 10 -4.68 0.74 -13.84
N ASN A 11 -4.32 0.77 -15.15
CA ASN A 11 -4.78 1.89 -16.00
C ASN A 11 -4.46 3.29 -15.59
N LYS A 12 -3.24 3.57 -15.08
CA LYS A 12 -2.92 4.99 -14.75
C LYS A 12 -1.65 5.35 -15.52
N SER A 13 -1.76 5.20 -16.84
CA SER A 13 -0.63 5.47 -17.72
C SER A 13 -0.01 6.83 -17.55
N ASP A 14 -0.67 7.89 -17.18
CA ASP A 14 -0.11 9.22 -17.06
C ASP A 14 0.65 9.44 -15.76
N TYR A 15 0.53 8.44 -14.85
CA TYR A 15 1.20 8.62 -13.56
C TYR A 15 2.19 7.51 -13.24
N VAL A 16 2.06 6.32 -13.79
CA VAL A 16 2.83 5.17 -13.30
C VAL A 16 4.32 5.35 -13.48
N ALA A 17 4.84 6.03 -14.53
CA ALA A 17 6.30 6.18 -14.61
C ALA A 17 6.90 6.96 -13.43
N LYS A 18 6.32 8.08 -13.05
CA LYS A 18 6.91 8.82 -11.91
C LYS A 18 6.91 7.90 -10.67
N SER A 19 5.82 7.14 -10.47
CA SER A 19 5.79 6.24 -9.32
C SER A 19 6.90 5.20 -9.33
N ILE A 20 7.00 4.46 -10.45
CA ILE A 20 8.04 3.44 -10.55
C ILE A 20 9.45 4.07 -10.43
N SER A 21 9.68 5.21 -11.12
CA SER A 21 11.01 5.86 -11.03
C SER A 21 11.36 6.23 -9.59
N SER A 22 10.31 6.68 -8.83
CA SER A 22 10.63 7.10 -7.44
C SER A 22 11.10 5.92 -6.57
N ILE A 23 10.64 4.72 -6.92
CA ILE A 23 11.11 3.54 -6.15
C ILE A 23 12.50 3.11 -6.65
N LEU A 24 12.66 3.04 -8.01
CA LEU A 24 13.96 2.55 -8.50
C LEU A 24 15.12 3.49 -8.17
N SER A 25 14.89 4.80 -7.90
CA SER A 25 16.01 5.65 -7.49
C SER A 25 16.20 5.73 -5.98
N GLN A 26 15.53 4.89 -5.17
CA GLN A 26 15.76 4.99 -3.71
C GLN A 26 17.26 4.85 -3.35
N THR A 27 17.62 5.61 -2.29
CA THR A 27 18.98 5.53 -1.74
C THR A 27 19.26 4.24 -1.02
N PHE A 28 18.25 3.46 -0.60
CA PHE A 28 18.39 2.09 -0.09
C PHE A 28 17.97 1.19 -1.23
N SER A 29 18.96 0.49 -1.81
CA SER A 29 18.70 -0.24 -3.04
C SER A 29 18.39 -1.71 -2.93
N ASP A 30 18.50 -2.29 -1.72
CA ASP A 30 18.36 -3.74 -1.58
C ASP A 30 16.88 -4.15 -1.36
N PHE A 31 16.16 -4.03 -2.46
CA PHE A 31 14.74 -4.44 -2.47
C PHE A 31 14.42 -5.17 -3.75
N GLU A 32 13.27 -5.85 -3.73
CA GLU A 32 12.64 -6.38 -4.93
C GLU A 32 11.36 -5.55 -5.11
N LEU A 33 10.98 -5.23 -6.32
CA LEU A 33 9.77 -4.40 -6.58
C LEU A 33 8.80 -5.28 -7.34
N PHE A 34 7.68 -5.65 -6.70
CA PHE A 34 6.63 -6.35 -7.42
C PHE A 34 5.80 -5.27 -8.11
N ILE A 35 5.62 -5.43 -9.42
CA ILE A 35 4.70 -4.57 -10.17
C ILE A 35 3.54 -5.51 -10.49
N MET A 36 2.42 -5.43 -9.72
CA MET A 36 1.29 -6.33 -9.98
C MET A 36 0.30 -5.51 -10.78
N ASP A 37 0.29 -5.77 -12.11
CA ASP A 37 -0.60 -5.07 -13.00
C ASP A 37 -1.89 -5.87 -13.25
N ASP A 38 -3.02 -5.19 -13.18
CA ASP A 38 -4.29 -5.97 -13.31
C ASP A 38 -4.80 -6.05 -14.74
N ASN A 39 -3.94 -6.35 -15.67
CA ASN A 39 -4.35 -6.49 -17.09
C ASN A 39 -4.86 -5.16 -17.58
N SER A 40 -3.95 -4.14 -17.49
CA SER A 40 -4.20 -2.80 -17.97
C SER A 40 -4.20 -2.62 -19.53
N ASN A 41 -4.66 -1.47 -19.92
CA ASN A 41 -4.71 -1.10 -21.33
C ASN A 41 -3.27 -0.94 -21.80
N GLU A 42 -3.14 -0.99 -23.11
CA GLU A 42 -1.91 -0.86 -23.85
C GLU A 42 -1.11 0.38 -23.55
N GLU A 43 -1.76 1.52 -23.40
CA GLU A 43 -0.97 2.74 -23.15
C GLU A 43 -0.24 2.61 -21.80
N THR A 44 -0.97 2.01 -20.83
CA THR A 44 -0.31 1.86 -19.52
C THR A 44 0.77 0.83 -19.62
N LEU A 45 0.59 -0.35 -20.26
CA LEU A 45 1.61 -1.33 -20.40
C LEU A 45 2.82 -0.73 -21.20
N ASN A 46 2.55 0.23 -22.08
CA ASN A 46 3.69 0.76 -22.87
C ASN A 46 4.56 1.61 -21.94
N VAL A 47 3.94 2.34 -21.02
CA VAL A 47 4.72 3.15 -20.06
C VAL A 47 5.50 2.25 -19.14
N ILE A 48 4.89 1.18 -18.62
CA ILE A 48 5.61 0.29 -17.70
C ILE A 48 6.77 -0.43 -18.37
N ARG A 49 6.62 -0.82 -19.66
CA ARG A 49 7.56 -1.68 -20.33
C ARG A 49 9.07 -1.39 -20.19
N PRO A 50 9.52 -0.16 -20.38
CA PRO A 50 10.97 0.01 -20.22
C PRO A 50 11.51 -0.28 -18.81
N PHE A 51 10.61 -0.11 -17.80
CA PHE A 51 11.15 -0.34 -16.43
C PHE A 51 11.35 -1.80 -16.09
N LEU A 52 10.83 -2.74 -16.89
CA LEU A 52 10.99 -4.16 -16.71
C LEU A 52 12.42 -4.64 -16.94
N ASN A 53 13.23 -3.74 -17.59
CA ASN A 53 14.65 -4.04 -17.78
C ASN A 53 15.46 -3.89 -16.50
N ASP A 54 14.89 -3.26 -15.43
CA ASP A 54 15.58 -3.17 -14.15
C ASP A 54 15.49 -4.53 -13.48
N ASN A 55 16.60 -5.15 -13.13
CA ASN A 55 16.64 -6.50 -12.59
C ASN A 55 16.00 -6.73 -11.25
N ARG A 56 15.61 -5.63 -10.57
CA ARG A 56 14.92 -5.77 -9.28
C ARG A 56 13.40 -5.85 -9.47
N VAL A 57 12.92 -5.63 -10.67
CA VAL A 57 11.48 -5.59 -10.96
C VAL A 57 10.95 -7.01 -11.14
N ARG A 58 9.89 -7.37 -10.44
CA ARG A 58 9.18 -8.67 -10.52
C ARG A 58 7.85 -8.33 -11.08
N PHE A 59 7.56 -8.43 -12.36
CA PHE A 59 6.34 -8.01 -13.03
C PHE A 59 5.38 -9.17 -13.22
N TYR A 60 4.15 -8.97 -12.74
CA TYR A 60 3.12 -10.02 -12.87
C TYR A 60 1.90 -9.35 -13.44
N GLN A 61 1.25 -9.92 -14.46
CA GLN A 61 0.09 -9.32 -15.08
C GLN A 61 -1.06 -10.36 -14.99
N SER A 62 -2.21 -9.89 -14.54
CA SER A 62 -3.36 -10.80 -14.45
C SER A 62 -3.96 -11.00 -15.84
N ASP A 63 -4.95 -11.90 -15.87
CA ASP A 63 -5.71 -12.11 -17.12
C ASP A 63 -7.16 -11.72 -16.90
N ILE A 64 -7.39 -10.83 -15.92
CA ILE A 64 -8.75 -10.37 -15.59
C ILE A 64 -9.40 -9.57 -16.70
N SER A 65 -10.73 -9.71 -16.91
CA SER A 65 -11.46 -8.96 -17.89
C SER A 65 -12.99 -8.99 -17.67
N GLY A 66 -13.61 -7.82 -17.75
CA GLY A 66 -15.07 -7.74 -17.66
C GLY A 66 -15.61 -7.29 -16.30
N VAL A 67 -16.85 -6.76 -16.23
CA VAL A 67 -17.31 -6.23 -14.95
C VAL A 67 -17.53 -7.32 -13.91
N LYS A 68 -17.92 -8.54 -14.34
CA LYS A 68 -18.05 -9.56 -13.28
C LYS A 68 -16.73 -9.83 -12.58
N GLU A 69 -15.66 -10.09 -13.37
CA GLU A 69 -14.38 -10.40 -12.71
C GLU A 69 -13.82 -9.18 -11.98
N ARG A 70 -14.01 -7.96 -12.50
CA ARG A 70 -13.46 -6.78 -11.87
C ARG A 70 -14.16 -6.45 -10.53
N THR A 71 -15.39 -6.96 -10.33
CA THR A 71 -16.15 -6.67 -9.10
C THR A 71 -16.31 -7.90 -8.21
N GLU A 72 -15.73 -9.03 -8.54
CA GLU A 72 -15.85 -10.24 -7.72
C GLU A 72 -15.13 -10.08 -6.39
N LYS A 73 -14.02 -9.35 -6.47
CA LYS A 73 -13.15 -9.16 -5.30
C LYS A 73 -12.62 -7.76 -5.31
N THR A 74 -12.10 -7.22 -4.18
CA THR A 74 -11.35 -5.93 -4.29
C THR A 74 -10.02 -6.34 -4.96
N ARG A 75 -9.88 -6.03 -6.28
CA ARG A 75 -8.78 -6.58 -7.06
C ARG A 75 -7.40 -6.21 -6.54
N TYR A 76 -7.19 -4.97 -6.10
CA TYR A 76 -5.81 -4.68 -5.63
C TYR A 76 -5.46 -5.44 -4.38
N ALA A 77 -6.44 -5.81 -3.53
CA ALA A 77 -6.16 -6.61 -2.34
C ALA A 77 -5.77 -8.04 -2.80
N ALA A 78 -6.51 -8.57 -3.84
CA ALA A 78 -6.12 -9.91 -4.33
C ALA A 78 -4.69 -9.93 -4.95
N LEU A 79 -4.34 -8.84 -5.63
CA LEU A 79 -2.97 -8.78 -6.19
C LEU A 79 -1.92 -8.59 -5.09
N ILE A 80 -2.22 -7.74 -4.06
CA ILE A 80 -1.24 -7.69 -2.96
C ILE A 80 -1.07 -9.06 -2.31
N ASN A 81 -2.20 -9.80 -2.04
CA ASN A 81 -2.00 -11.11 -1.40
C ASN A 81 -1.17 -12.07 -2.28
N GLN A 82 -1.36 -12.00 -3.58
CA GLN A 82 -0.50 -12.83 -4.47
C GLN A 82 0.99 -12.47 -4.34
N ALA A 83 1.27 -11.12 -4.30
CA ALA A 83 2.68 -10.77 -4.16
C ALA A 83 3.21 -11.13 -2.81
N ILE A 84 2.47 -11.05 -1.70
CA ILE A 84 2.92 -11.40 -0.36
C ILE A 84 3.41 -12.88 -0.39
N GLU A 85 2.60 -13.71 -1.00
CA GLU A 85 2.96 -15.16 -1.03
C GLU A 85 4.25 -15.41 -1.76
N MET A 86 4.74 -14.55 -2.65
CA MET A 86 6.00 -14.67 -3.35
C MET A 86 7.11 -13.82 -2.72
N ALA A 87 6.79 -12.97 -1.76
CA ALA A 87 7.79 -12.08 -1.21
C ALA A 87 8.91 -12.74 -0.40
N GLU A 88 10.12 -12.22 -0.68
CA GLU A 88 11.30 -12.70 0.03
C GLU A 88 11.92 -11.73 1.00
N GLY A 89 11.37 -10.51 1.10
CA GLY A 89 11.91 -9.54 2.01
C GLY A 89 11.57 -9.75 3.46
N GLU A 90 12.41 -9.31 4.38
CA GLU A 90 12.13 -9.29 5.80
C GLU A 90 11.11 -8.21 6.13
N TYR A 91 11.22 -7.06 5.42
CA TYR A 91 10.28 -5.92 5.62
C TYR A 91 9.41 -5.75 4.37
N ILE A 92 8.14 -5.52 4.60
CA ILE A 92 7.16 -5.40 3.47
C ILE A 92 6.64 -3.95 3.45
N THR A 93 6.51 -3.39 2.23
CA THR A 93 5.94 -2.02 2.12
C THR A 93 5.11 -1.93 0.85
N TYR A 94 4.21 -0.94 0.81
CA TYR A 94 3.26 -0.92 -0.33
C TYR A 94 3.38 0.38 -1.11
N ALA A 95 3.11 0.27 -2.43
CA ALA A 95 3.23 1.42 -3.30
C ALA A 95 2.09 1.34 -4.34
N THR A 96 1.81 2.48 -4.95
CA THR A 96 0.76 2.43 -5.99
C THR A 96 1.27 3.22 -7.21
N ASP A 97 0.48 3.04 -8.29
CA ASP A 97 0.80 3.69 -9.57
C ASP A 97 0.49 5.18 -9.63
N ASP A 98 0.08 5.87 -8.54
CA ASP A 98 -0.05 7.32 -8.58
C ASP A 98 0.43 7.98 -7.28
N ASN A 99 1.31 7.27 -6.57
CA ASN A 99 1.95 7.78 -5.34
C ASN A 99 3.47 7.72 -5.53
N ILE A 100 4.15 8.77 -5.00
CA ILE A 100 5.57 8.91 -5.16
C ILE A 100 6.31 8.71 -3.82
N TYR A 101 7.32 7.84 -3.86
CA TYR A 101 8.18 7.76 -2.64
C TYR A 101 9.23 8.87 -2.71
N MET A 102 9.45 9.55 -1.54
CA MET A 102 10.60 10.46 -1.46
C MET A 102 11.87 9.64 -1.42
N PRO A 103 13.04 10.17 -1.92
CA PRO A 103 14.24 9.40 -2.10
C PRO A 103 14.80 8.55 -0.97
N ASP A 104 14.70 9.07 0.23
CA ASP A 104 15.21 8.34 1.40
C ASP A 104 14.19 7.55 2.17
N ARG A 105 12.97 7.34 1.58
CA ARG A 105 11.93 6.63 2.29
C ARG A 105 12.38 5.24 2.76
N LEU A 106 12.85 4.39 1.85
CA LEU A 106 13.23 3.04 2.28
C LEU A 106 14.37 3.08 3.29
N LEU A 107 15.40 3.94 3.03
CA LEU A 107 16.52 3.96 3.98
C LEU A 107 16.07 4.34 5.38
N LYS A 108 15.23 5.35 5.51
CA LYS A 108 14.77 5.80 6.83
C LYS A 108 13.86 4.74 7.49
N MET A 109 12.98 4.11 6.73
CA MET A 109 12.06 3.12 7.33
C MET A 109 12.87 1.87 7.72
N VAL A 110 13.74 1.38 6.85
CA VAL A 110 14.56 0.22 7.23
C VAL A 110 15.35 0.55 8.48
N ARG A 111 16.01 1.69 8.54
CA ARG A 111 16.78 2.02 9.77
C ARG A 111 15.93 2.05 11.02
N GLU A 112 14.69 2.53 10.93
CA GLU A 112 13.86 2.58 12.15
C GLU A 112 13.47 1.20 12.58
N LEU A 113 13.17 0.22 11.72
CA LEU A 113 12.87 -1.13 12.17
C LEU A 113 14.16 -1.86 12.58
N ASP A 114 15.29 -1.57 11.96
CA ASP A 114 16.51 -2.26 12.42
C ASP A 114 16.92 -1.74 13.79
N THR A 115 16.70 -0.49 14.10
CA THR A 115 17.15 0.07 15.40
C THR A 115 16.22 -0.34 16.52
N HIS A 116 14.92 -0.55 16.24
CA HIS A 116 13.93 -0.84 17.27
C HIS A 116 13.25 -2.16 17.03
N PRO A 117 13.77 -3.27 17.56
CA PRO A 117 13.18 -4.58 17.39
C PRO A 117 11.79 -4.72 18.01
N GLU A 118 11.42 -3.85 18.93
CA GLU A 118 10.10 -3.94 19.55
C GLU A 118 9.00 -3.36 18.66
N LYS A 119 9.37 -2.66 17.61
CA LYS A 119 8.34 -2.09 16.72
C LYS A 119 8.18 -3.02 15.51
N ALA A 120 6.95 -3.40 15.22
CA ALA A 120 6.70 -4.30 14.09
C ALA A 120 6.10 -3.58 12.88
N VAL A 121 5.39 -2.50 13.14
CA VAL A 121 4.73 -1.74 12.07
C VAL A 121 5.13 -0.29 12.25
N ILE A 122 5.65 0.40 11.24
CA ILE A 122 5.91 1.82 11.28
C ILE A 122 5.21 2.55 10.16
N TYR A 123 4.95 3.83 10.41
CA TYR A 123 4.32 4.66 9.37
C TYR A 123 4.90 6.07 9.37
N SER A 124 4.94 6.70 8.23
CA SER A 124 5.44 8.09 8.15
C SER A 124 4.28 9.07 7.86
N ALA A 125 4.68 10.36 7.82
CA ALA A 125 3.71 11.36 7.37
C ALA A 125 3.62 11.26 5.84
N SER A 126 2.60 11.88 5.27
CA SER A 126 2.34 11.86 3.84
C SER A 126 1.82 13.25 3.42
N LYS A 127 2.18 13.66 2.22
CA LYS A 127 1.72 14.94 1.71
C LYS A 127 1.01 14.80 0.38
N THR A 128 -0.06 15.61 0.25
CA THR A 128 -0.77 15.63 -1.02
C THR A 128 -0.78 17.09 -1.50
N TYR A 129 -0.45 17.23 -2.76
CA TYR A 129 -0.51 18.57 -3.39
C TYR A 129 -1.69 18.63 -4.35
N HIS A 130 -2.55 19.64 -4.15
CA HIS A 130 -3.68 19.81 -5.08
C HIS A 130 -3.28 20.92 -6.04
N LEU A 131 -3.49 20.60 -7.30
CA LEU A 131 -3.08 21.54 -8.35
C LEU A 131 -4.32 22.04 -9.07
N ASN A 132 -4.22 23.26 -9.50
CA ASN A 132 -5.20 24.07 -10.23
C ASN A 132 -4.46 25.39 -10.55
N ASP A 136 -0.88 25.55 -10.56
CA ASP A 136 0.09 25.59 -9.46
C ASP A 136 -0.56 24.99 -8.22
N ILE A 137 0.10 25.02 -7.08
CA ILE A 137 -0.55 24.42 -5.90
C ILE A 137 -1.67 25.28 -5.37
N VAL A 138 -2.85 24.77 -5.08
CA VAL A 138 -3.90 25.61 -4.50
C VAL A 138 -4.02 25.17 -3.06
N LYS A 139 -3.46 23.97 -2.74
CA LYS A 139 -3.66 23.48 -1.38
C LYS A 139 -2.72 22.32 -1.10
N GLU A 140 -2.23 22.25 0.12
CA GLU A 140 -1.33 21.16 0.50
C GLU A 140 -1.98 20.50 1.72
N THR A 141 -2.06 19.17 1.68
CA THR A 141 -2.63 18.44 2.78
C THR A 141 -1.56 17.49 3.35
N VAL A 142 -1.50 17.40 4.67
CA VAL A 142 -0.53 16.49 5.29
C VAL A 142 -1.23 15.61 6.30
N ARG A 143 -0.97 14.30 6.16
CA ARG A 143 -1.46 13.32 7.16
C ARG A 143 -0.27 13.08 8.09
N PRO A 144 -0.34 13.50 9.35
CA PRO A 144 0.78 13.46 10.23
C PRO A 144 1.20 12.09 10.77
N ALA A 145 2.36 12.05 11.40
CA ALA A 145 2.75 10.78 12.07
C ALA A 145 3.38 11.24 13.42
N ALA A 146 2.50 11.53 14.36
CA ALA A 146 2.97 12.11 15.62
C ALA A 146 2.83 11.20 16.81
N GLN A 147 2.04 10.15 16.70
CA GLN A 147 1.78 9.26 17.81
C GLN A 147 1.64 7.82 17.48
N VAL A 148 1.96 6.94 18.41
CA VAL A 148 1.70 5.51 18.32
C VAL A 148 0.18 5.33 18.25
N THR A 149 -0.31 4.48 17.31
CA THR A 149 -1.76 4.33 17.24
C THR A 149 -2.20 2.90 17.06
N TRP A 150 -3.23 2.55 17.83
CA TRP A 150 -3.91 1.28 17.74
C TRP A 150 -5.17 1.45 16.87
N ASN A 151 -5.31 2.62 16.21
CA ASN A 151 -6.48 2.88 15.35
C ASN A 151 -6.09 3.65 14.08
N ALA A 152 -5.41 2.82 13.24
CA ALA A 152 -4.94 3.31 11.95
C ALA A 152 -5.95 3.44 10.84
N PRO A 153 -7.11 2.78 10.88
CA PRO A 153 -7.99 2.86 9.71
C PRO A 153 -8.38 4.28 9.37
N CYS A 154 -8.20 4.67 8.09
CA CYS A 154 -8.60 5.97 7.56
C CYS A 154 -7.77 7.12 8.13
N ALA A 155 -6.80 6.91 8.99
CA ALA A 155 -5.90 7.90 9.54
C ALA A 155 -4.55 7.81 8.80
N ILE A 156 -4.23 6.60 8.36
CA ILE A 156 -2.90 6.37 7.69
C ILE A 156 -3.14 5.73 6.30
N ASP A 157 -2.42 6.25 5.32
CA ASP A 157 -2.65 5.74 3.95
C ASP A 157 -1.91 4.44 3.66
N HIS A 158 -2.48 3.72 2.66
CA HIS A 158 -1.89 2.60 2.00
C HIS A 158 -0.38 2.74 1.78
N CYS A 159 0.09 3.88 1.29
CA CYS A 159 1.46 4.03 0.86
C CYS A 159 2.43 4.55 1.93
N SER A 160 1.97 4.61 3.17
CA SER A 160 2.81 5.23 4.19
C SER A 160 3.34 4.31 5.25
N VAL A 161 3.36 2.99 5.00
CA VAL A 161 3.75 2.05 6.04
C VAL A 161 4.86 1.11 5.64
N MET A 162 5.53 0.49 6.64
CA MET A 162 6.44 -0.61 6.44
C MET A 162 6.25 -1.59 7.62
N HIS A 163 6.27 -2.89 7.37
CA HIS A 163 6.15 -3.75 8.56
C HIS A 163 6.97 -5.03 8.41
N ARG A 164 7.29 -5.65 9.57
CA ARG A 164 7.98 -6.93 9.48
C ARG A 164 7.11 -7.99 8.80
N TYR A 165 7.76 -8.92 8.07
CA TYR A 165 7.01 -10.02 7.50
C TYR A 165 6.25 -10.84 8.55
N SER A 166 6.78 -10.96 9.75
CA SER A 166 6.15 -11.75 10.82
C SER A 166 4.78 -11.23 11.21
N VAL A 167 4.48 -9.97 10.94
CA VAL A 167 3.11 -9.42 11.18
C VAL A 167 2.10 -10.23 10.37
N LEU A 168 2.41 -10.60 9.13
CA LEU A 168 1.54 -11.29 8.18
C LEU A 168 1.03 -12.61 8.73
N GLU A 169 1.85 -13.39 9.42
CA GLU A 169 1.43 -14.64 10.04
C GLU A 169 0.34 -14.50 11.06
N LYS A 170 0.38 -13.54 12.00
CA LYS A 170 -0.69 -13.35 12.94
C LYS A 170 -2.01 -13.00 12.28
N VAL A 171 -1.94 -12.10 11.25
CA VAL A 171 -3.15 -11.74 10.55
C VAL A 171 -3.78 -12.95 9.83
N LYS A 172 -2.94 -13.71 9.16
CA LYS A 172 -3.57 -14.85 8.41
C LYS A 172 -4.12 -15.86 9.41
N GLU A 173 -3.39 -16.07 10.51
CA GLU A 173 -3.98 -17.07 11.46
C GLU A 173 -5.35 -16.69 11.95
N LYS A 174 -5.63 -15.40 12.21
CA LYS A 174 -6.91 -14.95 12.70
C LYS A 174 -7.95 -14.87 11.60
N PHE A 175 -7.54 -14.26 10.49
CA PHE A 175 -8.49 -13.91 9.44
C PHE A 175 -8.48 -14.78 8.19
N GLY A 176 -7.54 -15.64 7.93
CA GLY A 176 -7.58 -16.50 6.76
C GLY A 176 -6.91 -15.95 5.52
N SER A 177 -6.53 -14.68 5.57
CA SER A 177 -5.86 -14.04 4.40
C SER A 177 -5.14 -12.82 4.99
N TYR A 178 -4.35 -12.15 4.13
CA TYR A 178 -3.65 -10.93 4.62
C TYR A 178 -4.54 -9.71 4.44
N TRP A 179 -4.63 -9.19 3.18
CA TRP A 179 -5.55 -8.12 2.80
C TRP A 179 -6.94 -8.75 2.67
N ASP A 180 -8.02 -7.95 2.78
CA ASP A 180 -9.36 -8.52 2.70
C ASP A 180 -9.85 -8.37 1.26
N GLU A 181 -10.05 -9.48 0.58
CA GLU A 181 -10.51 -9.48 -0.79
C GLU A 181 -12.02 -9.25 -0.94
N SER A 182 -12.75 -9.08 0.16
CA SER A 182 -14.18 -8.78 -0.01
C SER A 182 -14.36 -7.51 -0.78
N PRO A 183 -15.29 -7.49 -1.79
CA PRO A 183 -15.55 -6.29 -2.54
C PRO A 183 -16.35 -5.23 -1.80
N ALA A 184 -16.85 -5.52 -0.56
CA ALA A 184 -17.42 -4.48 0.27
C ALA A 184 -16.37 -3.56 0.90
N PHE A 185 -15.08 -3.91 0.72
CA PHE A 185 -13.97 -3.07 1.23
C PHE A 185 -13.15 -2.54 0.08
N TYR A 186 -13.84 -2.29 -1.06
CA TYR A 186 -13.03 -1.76 -2.19
C TYR A 186 -12.57 -0.33 -1.94
N ARG A 187 -13.43 0.57 -1.44
CA ARG A 187 -13.04 1.96 -1.28
C ARG A 187 -11.93 2.12 -0.23
N ILE A 188 -11.97 1.32 0.81
CA ILE A 188 -10.98 1.55 1.91
C ILE A 188 -10.28 0.25 2.25
N GLY A 189 -9.76 -0.47 1.24
CA GLY A 189 -9.07 -1.75 1.47
C GLY A 189 -7.81 -1.58 2.35
N ASP A 190 -7.10 -0.45 2.15
CA ASP A 190 -6.00 -0.17 3.06
C ASP A 190 -6.44 -0.11 4.53
N ALA A 191 -7.54 0.63 4.76
CA ALA A 191 -8.02 0.72 6.15
C ALA A 191 -8.44 -0.63 6.70
N ARG A 192 -9.04 -1.51 5.87
CA ARG A 192 -9.42 -2.85 6.32
C ARG A 192 -8.25 -3.74 6.63
N PHE A 193 -7.14 -3.66 5.83
CA PHE A 193 -5.94 -4.42 6.19
C PHE A 193 -5.35 -3.84 7.51
N PHE A 194 -5.26 -2.52 7.62
CA PHE A 194 -4.70 -1.93 8.87
C PHE A 194 -5.64 -2.33 10.02
N TRP A 195 -6.93 -2.38 9.86
CA TRP A 195 -7.83 -2.84 10.95
C TRP A 195 -7.48 -4.26 11.39
N ARG A 196 -7.17 -5.18 10.46
CA ARG A 196 -6.72 -6.52 10.80
C ARG A 196 -5.44 -6.45 11.60
N VAL A 197 -4.43 -5.68 11.08
CA VAL A 197 -3.16 -5.58 11.77
C VAL A 197 -3.36 -5.02 13.18
N ASN A 198 -4.25 -4.07 13.37
CA ASN A 198 -4.46 -3.44 14.69
C ASN A 198 -5.21 -4.37 15.64
N HIS A 199 -5.54 -5.59 15.27
CA HIS A 199 -5.99 -6.57 16.28
C HIS A 199 -4.77 -6.98 17.10
N PHE A 200 -3.53 -6.87 16.56
CA PHE A 200 -2.35 -7.39 17.18
C PHE A 200 -1.17 -6.46 17.44
N TYR A 201 -1.09 -5.37 16.63
CA TYR A 201 0.02 -4.45 16.68
C TYR A 201 -0.39 -3.00 16.49
N PRO A 202 0.23 -2.06 17.23
CA PRO A 202 0.06 -0.64 17.03
C PRO A 202 1.03 -0.20 15.92
N PHE A 203 0.77 0.96 15.36
CA PHE A 203 1.59 1.55 14.30
C PHE A 203 2.48 2.59 14.92
N TYR A 204 3.79 2.54 14.73
CA TYR A 204 4.72 3.48 15.36
C TYR A 204 5.14 4.56 14.39
N PRO A 205 5.14 5.83 14.73
CA PRO A 205 5.43 6.92 13.86
C PRO A 205 6.87 7.22 13.54
N LEU A 206 7.08 7.67 12.30
CA LEU A 206 8.36 8.25 11.84
C LEU A 206 7.94 9.59 11.29
N ASP A 207 8.19 10.67 12.04
CA ASP A 207 7.65 11.99 11.77
C ASP A 207 8.38 12.76 10.73
N GLU A 208 8.30 12.21 9.47
CA GLU A 208 8.85 12.82 8.29
C GLU A 208 7.89 12.49 7.10
N GLU A 209 7.80 13.44 6.18
CA GLU A 209 6.90 13.25 5.01
C GLU A 209 7.68 12.47 3.94
N LEU A 210 7.35 11.16 3.82
CA LEU A 210 8.15 10.26 2.98
C LEU A 210 7.40 9.73 1.76
N ASP A 211 6.17 10.14 1.57
CA ASP A 211 5.45 9.77 0.34
C ASP A 211 4.55 10.94 -0.03
N LEU A 212 4.34 11.13 -1.34
CA LEU A 212 3.63 12.28 -1.90
C LEU A 212 2.59 11.86 -2.92
N ASN A 213 1.49 12.63 -2.96
CA ASN A 213 0.45 12.40 -3.94
C ASN A 213 0.15 13.77 -4.62
N TYR A 214 -0.26 13.72 -5.88
CA TYR A 214 -0.72 14.92 -6.57
C TYR A 214 -2.16 14.69 -6.98
N ILE A 215 -3.00 15.70 -6.85
CA ILE A 215 -4.37 15.52 -7.34
C ILE A 215 -4.70 16.80 -8.13
N THR A 216 -5.16 16.60 -9.35
CA THR A 216 -5.48 17.63 -10.32
C THR A 216 -6.83 17.36 -10.97
N GLU A 231 -20.12 1.22 -15.22
CA GLU A 231 -20.67 -0.11 -14.96
C GLU A 231 -19.90 -0.84 -13.87
N PHE A 232 -18.72 -0.33 -13.55
CA PHE A 232 -17.93 -0.88 -12.47
C PHE A 232 -18.57 -0.58 -11.13
N VAL A 233 -18.80 0.68 -10.78
CA VAL A 233 -19.32 1.09 -9.50
C VAL A 233 -20.71 0.52 -9.28
N ARG A 234 -21.49 0.35 -10.37
CA ARG A 234 -22.84 -0.18 -10.08
C ARG A 234 -22.86 -1.66 -9.73
N ASN A 235 -21.78 -2.39 -9.95
CA ASN A 235 -21.71 -3.81 -9.63
C ASN A 235 -20.91 -4.17 -8.40
N LEU A 236 -20.48 -3.15 -7.64
CA LEU A 236 -19.91 -3.46 -6.33
C LEU A 236 -21.07 -3.49 -5.33
N PRO A 237 -20.91 -4.15 -4.21
CA PRO A 237 -21.88 -4.13 -3.12
C PRO A 237 -21.72 -2.85 -2.31
N PRO A 238 -22.64 -2.59 -1.39
CA PRO A 238 -22.61 -1.41 -0.55
C PRO A 238 -21.24 -1.39 0.16
N GLN A 239 -20.61 -0.23 0.13
CA GLN A 239 -19.25 -0.15 0.72
C GLN A 239 -19.19 0.04 2.22
N ARG A 240 -18.39 -0.77 2.90
CA ARG A 240 -18.25 -0.57 4.38
C ARG A 240 -17.40 0.64 4.60
N ASN A 241 -17.62 1.41 5.70
CA ASN A 241 -16.97 2.69 5.87
C ASN A 241 -16.03 2.85 7.07
N CYS A 242 -15.34 3.99 7.07
CA CYS A 242 -14.33 4.23 8.12
C CYS A 242 -14.89 4.18 9.54
N ARG A 243 -16.08 4.81 9.70
CA ARG A 243 -16.62 4.78 11.08
C ARG A 243 -16.80 3.40 11.65
N GLU A 244 -17.28 2.44 10.85
CA GLU A 244 -17.45 1.07 11.21
C GLU A 244 -16.14 0.51 11.77
N LEU A 245 -15.05 0.68 10.94
CA LEU A 245 -13.79 0.15 11.39
C LEU A 245 -13.21 0.82 12.64
N ARG A 246 -13.25 2.15 12.70
CA ARG A 246 -12.75 2.84 13.89
C ARG A 246 -13.53 2.49 15.16
N GLU A 247 -14.86 2.39 15.05
CA GLU A 247 -15.63 2.02 16.26
C GLU A 247 -15.37 0.59 16.72
N SER A 248 -15.20 -0.38 15.76
CA SER A 248 -14.91 -1.75 16.17
C SER A 248 -13.56 -1.78 16.88
N LEU A 249 -12.55 -1.00 16.43
CA LEU A 249 -11.29 -1.02 17.16
C LEU A 249 -11.40 -0.30 18.51
N LYS A 250 -12.18 0.75 18.61
CA LYS A 250 -12.34 1.37 19.95
C LYS A 250 -12.98 0.32 20.86
N LYS A 251 -13.95 -0.46 20.43
CA LYS A 251 -14.62 -1.47 21.27
C LYS A 251 -13.70 -2.61 21.65
N LEU A 252 -12.80 -2.94 20.70
CA LEU A 252 -11.87 -4.03 20.90
C LEU A 252 -10.95 -3.68 22.08
N GLY A 253 -10.62 -2.41 22.20
CA GLY A 253 -9.86 -1.94 23.35
C GLY A 253 -8.48 -2.49 23.55
N MET A 254 -7.62 -2.36 22.52
CA MET A 254 -6.23 -2.76 22.60
C MET A 254 -5.32 -1.65 23.11
N GLY A 255 -5.74 -0.40 23.07
CA GLY A 255 -4.90 0.71 23.50
C GLY A 255 -5.73 1.72 24.28
#